data_7GQU
#
_entry.id   7GQU
#
_cell.length_a   46.255
_cell.length_b   83.802
_cell.length_c   119.624
_cell.angle_alpha   90.000
_cell.angle_beta   90.000
_cell.angle_gamma   90.000
#
_symmetry.space_group_name_H-M   'P 21 21 21'
#
loop_
_entity.id
_entity.type
_entity.pdbx_description
1 polymer "Bifunctional 3'-5' exonuclease/ATP-dependent helicase WRN"
2 non-polymer 'ZINC ION'
3 non-polymer "ADENOSINE-5'-DIPHOSPHATE"
4 non-polymer N-[(1S)-1-cyclopropyl-3-(methanesulfonyl)propyl]-2-(1,1-difluoroethyl)-4-phenoxypyrimidine-5-carboxamide
5 non-polymer GLYCEROL
6 non-polymer 'SODIUM ION'
7 water water
#
_entity_poly.entity_id   1
_entity_poly.type   'polypeptide(L)'
_entity_poly.pdbx_seq_one_letter_code
;MNEGEEDDDKDFLWPAPNEEQVTCLKMYFGHSSFKPVQWKVIHSVLEERRDNVAVMATGYGKSLCFQYPPVYVGKIGLVI
SPLISLMEDQVLQLKMSNIPACFLGSAQSENVLTDIKLGKYRIVYVTPEYCSGNMGLLQQLEADIGITLIAVDEAHCISE
WGHDFRDSFRKLGSLKTALPMVPIVALTATASSSIREDIVRCLNLRNPQITCTGFDRPNLYLEVRRKTGNILQDLQPFLV
KTSSHWEFEGPTIIYCPSRKMTQQVTGELRKLNLSCGTYHAGMSFSTRKDIHHRFVRDEIQCVIATIAFGMGINKADIRQ
VIHYGAPKDMESYYQEIGRAGRDGLQSSCHVLWAPADINLNRHLLTEIRNEKFRLYKLKMMAKMEKYLHSSRCRRQIILS
HFEDKQVQKASLGIMGTEKCCDNCRSRLDHGGRLEVLFQ
;
_entity_poly.pdbx_strand_id   A
#
# COMPACT_ATOMS: atom_id res chain seq x y z
N PHE A 12 20.79 10.71 -6.99
CA PHE A 12 21.27 11.92 -6.33
C PHE A 12 20.11 12.66 -5.64
N LEU A 13 20.35 13.13 -4.42
CA LEU A 13 19.32 13.72 -3.56
C LEU A 13 19.69 15.16 -3.20
N TRP A 14 18.69 16.03 -3.13
CA TRP A 14 18.93 17.45 -2.87
C TRP A 14 17.93 17.90 -1.83
N PRO A 15 18.37 18.44 -0.69
CA PRO A 15 19.77 18.54 -0.25
C PRO A 15 20.26 17.16 0.18
N ALA A 16 21.56 16.89 0.23
CA ALA A 16 21.99 15.52 0.44
C ALA A 16 21.77 15.12 1.89
N PRO A 17 21.33 13.89 2.15
CA PRO A 17 21.34 13.38 3.53
C PRO A 17 22.76 13.36 4.05
N ASN A 18 22.91 13.60 5.36
CA ASN A 18 24.24 13.52 5.93
C ASN A 18 24.59 12.08 6.31
N GLU A 19 25.85 11.87 6.71
CA GLU A 19 26.33 10.50 6.93
C GLU A 19 25.58 9.82 8.07
N GLU A 20 25.28 10.56 9.15
CA GLU A 20 24.55 9.99 10.28
C GLU A 20 23.17 9.51 9.84
N GLN A 21 22.50 10.31 9.00
CA GLN A 21 21.19 9.95 8.49
C GLN A 21 21.24 8.67 7.66
N VAL A 22 22.31 8.51 6.87
CA VAL A 22 22.43 7.31 6.05
C VAL A 22 22.75 6.09 6.91
N THR A 23 23.66 6.24 7.88
CA THR A 23 23.99 5.15 8.79
C THR A 23 22.75 4.69 9.57
N CYS A 24 21.95 5.66 10.02
CA CYS A 24 20.71 5.31 10.71
C CYS A 24 19.76 4.56 9.77
N LEU A 25 19.66 5.00 8.52
CA LEU A 25 18.84 4.27 7.56
C LEU A 25 19.32 2.82 7.42
N LYS A 26 20.63 2.64 7.27
CA LYS A 26 21.16 1.28 7.13
C LYS A 26 20.89 0.45 8.38
N MET A 27 21.10 1.04 9.56
CA MET A 27 21.07 0.26 10.80
C MET A 27 19.66 -0.16 11.20
N TYR A 28 18.67 0.70 10.97
CA TYR A 28 17.33 0.41 11.43
C TYR A 28 16.37 -0.02 10.34
N PHE A 29 16.70 0.17 9.06
CA PHE A 29 15.78 -0.17 7.99
C PHE A 29 16.42 -1.00 6.91
N GLY A 30 17.74 -1.16 6.91
CA GLY A 30 18.38 -2.05 5.95
C GLY A 30 18.39 -1.54 4.53
N HIS A 31 18.29 -0.23 4.33
CA HIS A 31 18.37 0.39 3.01
C HIS A 31 19.63 1.23 2.95
N SER A 32 20.29 1.25 1.78
CA SER A 32 21.54 1.98 1.63
CA SER A 32 21.55 1.98 1.64
C SER A 32 21.37 3.44 1.24
N SER A 33 20.23 3.79 0.67
CA SER A 33 19.93 5.17 0.29
C SER A 33 18.44 5.38 0.35
N PHE A 34 18.05 6.64 0.46
CA PHE A 34 16.63 7.00 0.43
C PHE A 34 16.14 7.05 -1.00
N LYS A 35 14.89 6.63 -1.22
CA LYS A 35 14.25 6.95 -2.49
C LYS A 35 13.99 8.44 -2.53
N PRO A 36 14.07 9.08 -3.69
CA PRO A 36 13.88 10.55 -3.71
C PRO A 36 12.60 11.02 -3.04
N VAL A 37 11.47 10.33 -3.22
CA VAL A 37 10.24 10.85 -2.61
C VAL A 37 10.21 10.59 -1.11
N GLN A 38 10.84 9.51 -0.65
CA GLN A 38 10.99 9.31 0.80
C GLN A 38 11.77 10.46 1.42
N TRP A 39 12.89 10.82 0.81
CA TRP A 39 13.72 11.91 1.33
C TRP A 39 12.95 13.23 1.29
N LYS A 40 12.16 13.44 0.24
CA LYS A 40 11.39 14.69 0.14
C LYS A 40 10.44 14.84 1.33
N VAL A 41 9.77 13.76 1.73
CA VAL A 41 8.90 13.83 2.92
C VAL A 41 9.74 13.94 4.20
N ILE A 42 10.72 13.04 4.36
CA ILE A 42 11.53 13.00 5.58
C ILE A 42 12.20 14.34 5.86
N HIS A 43 12.83 14.93 4.84
CA HIS A 43 13.54 16.19 5.04
C HIS A 43 12.57 17.32 5.36
N SER A 44 11.39 17.29 4.74
CA SER A 44 10.37 18.30 5.00
CA SER A 44 10.41 18.33 5.01
C SER A 44 9.92 18.26 6.45
N VAL A 45 9.74 17.04 6.99
CA VAL A 45 9.34 16.86 8.39
C VAL A 45 10.47 17.26 9.34
N LEU A 46 11.69 16.77 9.09
CA LEU A 46 12.79 16.97 10.03
C LEU A 46 13.25 18.41 10.09
N GLU A 47 13.36 19.07 8.94
CA GLU A 47 13.96 20.39 8.85
C GLU A 47 12.95 21.52 8.84
N GLU A 48 11.80 21.33 8.23
CA GLU A 48 10.81 22.39 8.08
C GLU A 48 9.57 22.17 8.95
N ARG A 49 9.46 21.01 9.59
CA ARG A 49 8.30 20.68 10.41
CA ARG A 49 8.30 20.69 10.41
C ARG A 49 7.01 20.91 9.63
N ARG A 50 7.04 20.53 8.36
CA ARG A 50 5.96 20.80 7.42
C ARG A 50 4.93 19.67 7.35
N ASP A 51 3.65 20.06 7.30
CA ASP A 51 2.61 19.08 7.01
C ASP A 51 2.80 18.52 5.61
N ASN A 52 2.40 17.27 5.44
CA ASN A 52 2.55 16.58 4.16
C ASN A 52 1.28 15.81 3.86
N VAL A 53 0.86 15.81 2.59
CA VAL A 53 -0.08 14.81 2.08
C VAL A 53 0.72 13.91 1.17
N ALA A 54 0.83 12.65 1.55
CA ALA A 54 1.66 11.68 0.86
C ALA A 54 0.72 10.72 0.17
N VAL A 55 0.67 10.80 -1.16
CA VAL A 55 -0.19 9.94 -1.98
C VAL A 55 0.67 8.72 -2.30
N MET A 56 0.54 7.68 -1.48
CA MET A 56 1.48 6.59 -1.51
C MET A 56 0.78 5.27 -1.29
N ALA A 57 1.30 4.24 -1.96
CA ALA A 57 0.78 2.88 -1.85
C ALA A 57 1.82 1.95 -1.22
N THR A 58 1.33 1.07 -0.35
CA THR A 58 2.13 -0.02 0.18
C THR A 58 2.78 -0.82 -0.93
N GLY A 59 4.09 -1.08 -0.77
CA GLY A 59 4.82 -1.80 -1.76
C GLY A 59 5.73 -0.91 -2.58
N TYR A 60 5.57 0.40 -2.45
CA TYR A 60 6.40 1.35 -3.21
C TYR A 60 7.29 2.18 -2.30
N GLY A 61 7.36 1.87 -1.02
CA GLY A 61 8.21 2.61 -0.11
C GLY A 61 7.48 3.62 0.74
N LYS A 62 6.24 3.32 1.14
CA LYS A 62 5.41 4.24 1.91
C LYS A 62 5.88 4.40 3.35
N SER A 63 6.23 3.31 4.01
CA SER A 63 6.30 3.35 5.48
C SER A 63 7.53 4.10 5.96
N LEU A 64 8.62 4.07 5.20
CA LEU A 64 9.83 4.78 5.66
C LEU A 64 9.54 6.25 5.90
N CYS A 65 8.61 6.84 5.13
CA CYS A 65 8.38 8.26 5.22
C CYS A 65 7.98 8.69 6.60
N PHE A 66 7.26 7.82 7.36
CA PHE A 66 6.83 8.21 8.69
C PHE A 66 7.49 7.41 9.80
N GLN A 67 8.10 6.26 9.50
CA GLN A 67 8.83 5.53 10.51
C GLN A 67 10.24 6.09 10.70
N TYR A 68 10.89 6.58 9.64
CA TYR A 68 12.28 6.98 9.79
C TYR A 68 12.48 8.22 10.66
N PRO A 69 11.73 9.32 10.51
CA PRO A 69 12.09 10.57 11.23
C PRO A 69 12.18 10.37 12.73
N PRO A 70 11.19 9.75 13.41
CA PRO A 70 11.34 9.60 14.88
C PRO A 70 12.50 8.72 15.29
N VAL A 71 12.82 7.69 14.48
CA VAL A 71 13.98 6.86 14.76
C VAL A 71 15.26 7.69 14.70
N TYR A 72 15.37 8.55 13.70
CA TYR A 72 16.60 9.29 13.52
C TYR A 72 16.83 10.27 14.66
N VAL A 73 15.80 11.03 15.05
CA VAL A 73 15.99 11.99 16.15
C VAL A 73 15.83 11.38 17.52
N GLY A 74 15.38 10.13 17.61
CA GLY A 74 15.26 9.49 18.92
C GLY A 74 14.09 9.97 19.76
N LYS A 75 12.98 10.31 19.12
CA LYS A 75 11.82 10.90 19.79
C LYS A 75 10.64 9.99 19.45
N ILE A 76 9.43 10.55 19.47
CA ILE A 76 8.19 9.79 19.24
C ILE A 76 7.55 10.15 17.90
N GLY A 77 7.15 9.12 17.15
CA GLY A 77 6.24 9.27 16.03
C GLY A 77 4.93 8.58 16.37
N LEU A 78 3.82 9.28 16.15
CA LEU A 78 2.50 8.75 16.43
C LEU A 78 1.89 8.33 15.11
N VAL A 79 1.47 7.08 15.00
CA VAL A 79 0.84 6.57 13.80
C VAL A 79 -0.60 6.24 14.13
N ILE A 80 -1.54 6.96 13.51
CA ILE A 80 -2.97 6.74 13.71
C ILE A 80 -3.49 5.89 12.56
N SER A 81 -4.16 4.78 12.88
CA SER A 81 -4.72 3.91 11.85
C SER A 81 -5.93 3.18 12.38
N PRO A 82 -6.89 2.81 11.52
CA PRO A 82 -8.06 2.04 11.94
C PRO A 82 -7.87 0.54 11.87
N LEU A 83 -6.75 0.10 11.30
CA LEU A 83 -6.49 -1.30 10.97
C LEU A 83 -5.67 -1.96 12.08
N ILE A 84 -6.34 -2.45 13.11
CA ILE A 84 -5.65 -2.91 14.32
C ILE A 84 -4.67 -4.04 13.99
N SER A 85 -5.11 -5.04 13.21
CA SER A 85 -4.24 -6.18 12.96
C SER A 85 -2.97 -5.77 12.24
N LEU A 86 -3.09 -4.86 11.27
CA LEU A 86 -1.92 -4.35 10.57
C LEU A 86 -0.99 -3.59 11.51
N MET A 87 -1.54 -2.81 12.44
CA MET A 87 -0.69 -2.09 13.38
C MET A 87 0.07 -3.07 14.28
N GLU A 88 -0.60 -4.14 14.73
CA GLU A 88 0.08 -5.12 15.56
C GLU A 88 1.22 -5.80 14.79
N ASP A 89 0.99 -6.10 13.50
CA ASP A 89 2.06 -6.68 12.69
C ASP A 89 3.23 -5.73 12.54
N GLN A 90 2.96 -4.44 12.32
CA GLN A 90 4.04 -3.46 12.21
C GLN A 90 4.83 -3.39 13.51
N VAL A 91 4.13 -3.42 14.65
CA VAL A 91 4.84 -3.40 15.93
C VAL A 91 5.83 -4.56 16.00
N LEU A 92 5.41 -5.76 15.57
CA LEU A 92 6.27 -6.92 15.63
C LEU A 92 7.48 -6.77 14.70
N GLN A 93 7.22 -6.34 13.45
CA GLN A 93 8.30 -6.15 12.49
C GLN A 93 9.28 -5.08 12.97
N LEU A 94 8.78 -3.96 13.49
CA LEU A 94 9.67 -2.92 13.98
C LEU A 94 10.58 -3.43 15.09
N LYS A 95 10.00 -4.19 16.03
CA LYS A 95 10.79 -4.73 17.14
C LYS A 95 11.87 -5.69 16.62
N MET A 96 11.58 -6.42 15.55
CA MET A 96 12.60 -7.30 14.98
CA MET A 96 12.59 -7.30 14.96
C MET A 96 13.73 -6.50 14.34
N SER A 97 13.44 -5.32 13.80
CA SER A 97 14.46 -4.41 13.27
C SER A 97 15.04 -3.50 14.36
N ASN A 98 14.87 -3.86 15.63
CA ASN A 98 15.44 -3.14 16.76
C ASN A 98 14.93 -1.71 16.84
N ILE A 99 13.68 -1.48 16.50
CA ILE A 99 13.02 -0.20 16.73
C ILE A 99 11.96 -0.39 17.79
N PRO A 100 12.06 0.25 18.96
CA PRO A 100 11.02 0.12 20.00
C PRO A 100 9.70 0.73 19.53
N ALA A 101 8.64 -0.08 19.55
CA ALA A 101 7.33 0.38 19.11
C ALA A 101 6.25 -0.32 19.92
N CYS A 102 5.05 0.26 19.95
CA CYS A 102 3.96 -0.37 20.66
C CYS A 102 2.63 0.12 20.10
N PHE A 103 1.59 -0.63 20.40
CA PHE A 103 0.22 -0.23 20.13
C PHE A 103 -0.37 0.28 21.44
N LEU A 104 -0.87 1.51 21.43
CA LEU A 104 -1.42 2.12 22.62
C LEU A 104 -2.94 2.10 22.51
N GLY A 105 -3.57 1.44 23.47
CA GLY A 105 -5.01 1.35 23.52
C GLY A 105 -5.44 1.30 24.97
N SER A 106 -6.74 1.09 25.21
CA SER A 106 -7.26 1.08 26.57
C SER A 106 -6.68 -0.04 27.42
N ALA A 107 -6.28 -1.16 26.80
CA ALA A 107 -5.81 -2.32 27.55
C ALA A 107 -4.32 -2.29 27.84
N GLN A 108 -3.60 -1.30 27.35
CA GLN A 108 -2.15 -1.26 27.52
C GLN A 108 -1.79 -1.09 29.00
N SER A 109 -0.74 -1.79 29.43
CA SER A 109 -0.31 -1.76 30.82
C SER A 109 0.26 -0.40 31.19
N GLU A 110 0.14 -0.05 32.47
CA GLU A 110 0.69 1.22 32.95
C GLU A 110 2.20 1.26 32.78
N ASN A 111 2.88 0.12 32.91
CA ASN A 111 4.31 0.11 32.72
C ASN A 111 4.67 0.58 31.31
N VAL A 112 3.91 0.12 30.30
CA VAL A 112 4.14 0.57 28.95
C VAL A 112 3.74 2.04 28.79
N LEU A 113 2.61 2.43 29.37
CA LEU A 113 2.19 3.83 29.31
C LEU A 113 3.23 4.75 29.94
N THR A 114 3.78 4.37 31.11
CA THR A 114 4.84 5.18 31.69
C THR A 114 6.10 5.14 30.84
N ASP A 115 6.38 4.00 30.20
CA ASP A 115 7.51 3.93 29.27
C ASP A 115 7.32 4.86 28.09
N ILE A 116 6.08 4.99 27.60
CA ILE A 116 5.83 5.92 26.50
C ILE A 116 6.10 7.35 26.93
N LYS A 117 5.66 7.71 28.15
CA LYS A 117 5.93 9.04 28.67
C LYS A 117 7.42 9.29 28.90
N LEU A 118 8.17 8.25 29.26
CA LEU A 118 9.63 8.39 29.38
C LEU A 118 10.34 8.39 28.05
N GLY A 119 9.61 8.27 26.94
CA GLY A 119 10.22 8.27 25.63
C GLY A 119 10.91 6.98 25.23
N LYS A 120 10.57 5.84 25.86
CA LYS A 120 11.24 4.60 25.51
C LYS A 120 10.87 4.08 24.12
N TYR A 121 9.75 4.51 23.55
CA TYR A 121 9.25 4.00 22.28
C TYR A 121 9.38 5.04 21.19
N ARG A 122 9.90 4.63 20.03
CA ARG A 122 10.03 5.54 18.90
C ARG A 122 8.74 5.68 18.09
N ILE A 123 7.96 4.61 17.98
CA ILE A 123 6.76 4.60 17.14
C ILE A 123 5.62 4.08 17.98
N VAL A 124 4.56 4.87 18.12
CA VAL A 124 3.39 4.52 18.93
C VAL A 124 2.19 4.50 18.00
N TYR A 125 1.56 3.34 17.85
CA TYR A 125 0.36 3.19 17.04
C TYR A 125 -0.88 3.36 17.91
N VAL A 126 -1.87 4.12 17.40
CA VAL A 126 -3.14 4.33 18.10
C VAL A 126 -4.28 4.33 17.09
N THR A 127 -5.50 4.04 17.58
CA THR A 127 -6.68 4.23 16.76
C THR A 127 -7.09 5.70 16.80
N PRO A 128 -7.85 6.16 15.79
CA PRO A 128 -8.39 7.53 15.87
C PRO A 128 -9.26 7.76 17.09
N GLU A 129 -10.08 6.77 17.45
CA GLU A 129 -11.00 6.89 18.57
C GLU A 129 -10.26 7.06 19.89
N TYR A 130 -9.19 6.31 20.09
CA TYR A 130 -8.38 6.50 21.28
C TYR A 130 -7.72 7.88 21.26
N CYS A 131 -7.30 8.29 20.07
CA CYS A 131 -6.53 9.52 19.91
C CYS A 131 -7.34 10.73 20.33
N SER A 132 -8.64 10.73 20.04
CA SER A 132 -9.45 11.89 20.36
C SER A 132 -9.79 11.95 21.84
N GLY A 133 -9.92 10.80 22.49
CA GLY A 133 -10.22 10.77 23.91
C GLY A 133 -9.04 10.93 24.83
N ASN A 134 -7.82 11.08 24.31
CA ASN A 134 -6.64 11.18 25.15
C ASN A 134 -5.70 12.25 24.64
N MET A 135 -6.26 13.35 24.14
CA MET A 135 -5.44 14.43 23.61
C MET A 135 -4.53 15.02 24.69
N GLY A 136 -4.97 15.00 25.95
CA GLY A 136 -4.10 15.45 27.02
C GLY A 136 -2.81 14.66 27.08
N LEU A 137 -2.90 13.34 26.88
CA LEU A 137 -1.68 12.54 26.86
C LEU A 137 -0.75 13.00 25.74
N LEU A 138 -1.31 13.28 24.55
CA LEU A 138 -0.46 13.67 23.43
C LEU A 138 0.27 14.97 23.73
N GLN A 139 -0.41 15.91 24.36
CA GLN A 139 0.23 17.18 24.67
C GLN A 139 1.37 16.99 25.68
N GLN A 140 1.18 16.10 26.65
CA GLN A 140 2.27 15.79 27.58
C GLN A 140 3.46 15.17 26.85
N LEU A 141 3.18 14.26 25.91
CA LEU A 141 4.25 13.67 25.12
C LEU A 141 5.03 14.74 24.38
N GLU A 142 4.33 15.69 23.76
CA GLU A 142 5.00 16.77 23.05
C GLU A 142 5.81 17.65 24.00
N ALA A 143 5.23 17.98 25.16
CA ALA A 143 5.95 18.82 26.13
C ALA A 143 7.18 18.12 26.69
N ASP A 144 7.05 16.84 27.06
CA ASP A 144 8.12 16.17 27.78
C ASP A 144 9.18 15.61 26.84
N ILE A 145 8.76 15.03 25.71
CA ILE A 145 9.64 14.28 24.83
C ILE A 145 9.79 14.95 23.48
N GLY A 146 8.67 15.31 22.86
CA GLY A 146 8.67 15.83 21.52
C GLY A 146 8.10 14.82 20.55
N ILE A 147 7.02 15.18 19.86
CA ILE A 147 6.45 14.33 18.82
C ILE A 147 7.04 14.80 17.49
N THR A 148 7.83 13.93 16.86
CA THR A 148 8.46 14.26 15.59
C THR A 148 7.44 14.45 14.49
N LEU A 149 6.41 13.61 14.47
CA LEU A 149 5.36 13.70 13.47
C LEU A 149 4.18 12.88 13.96
N ILE A 150 3.02 13.20 13.40
CA ILE A 150 1.83 12.39 13.50
C ILE A 150 1.49 11.91 12.09
N ALA A 151 1.42 10.60 11.91
CA ALA A 151 1.05 10.03 10.61
C ALA A 151 -0.40 9.61 10.69
N VAL A 152 -1.24 10.13 9.79
CA VAL A 152 -2.62 9.68 9.71
C VAL A 152 -2.67 8.70 8.53
N ASP A 153 -2.65 7.42 8.83
CA ASP A 153 -2.72 6.42 7.76
C ASP A 153 -4.16 6.26 7.31
N GLU A 154 -4.35 5.79 6.06
CA GLU A 154 -5.71 5.58 5.52
C GLU A 154 -6.51 6.88 5.57
N ALA A 155 -5.84 8.00 5.27
CA ALA A 155 -6.45 9.31 5.47
C ALA A 155 -7.63 9.56 4.54
N HIS A 156 -7.71 8.85 3.40
CA HIS A 156 -8.87 8.95 2.52
C HIS A 156 -10.14 8.48 3.22
N CYS A 157 -10.03 7.76 4.34
CA CYS A 157 -11.23 7.43 5.13
C CYS A 157 -11.94 8.65 5.70
N ILE A 158 -11.32 9.82 5.64
CA ILE A 158 -11.96 11.06 6.08
C ILE A 158 -13.15 11.43 5.22
N SER A 159 -13.12 11.04 3.95
CA SER A 159 -14.08 11.51 2.98
C SER A 159 -15.36 10.67 2.91
N GLU A 160 -16.51 11.36 2.98
CA GLU A 160 -17.81 10.70 2.96
C GLU A 160 -18.04 9.90 1.69
N TRP A 161 -17.49 10.34 0.57
CA TRP A 161 -17.74 9.71 -0.71
C TRP A 161 -16.62 8.77 -1.15
N GLY A 162 -15.61 8.56 -0.33
CA GLY A 162 -14.48 7.76 -0.76
C GLY A 162 -14.63 6.27 -0.59
N HIS A 163 -15.85 5.78 -0.38
CA HIS A 163 -16.14 4.34 -0.34
C HIS A 163 -15.44 3.66 0.83
N ASP A 164 -14.75 4.42 1.67
CA ASP A 164 -14.11 3.84 2.84
C ASP A 164 -14.26 4.78 4.04
N PHE A 165 -15.43 5.42 4.15
CA PHE A 165 -15.67 6.45 5.16
C PHE A 165 -15.61 5.87 6.57
N ARG A 166 -14.80 6.46 7.43
CA ARG A 166 -14.78 6.18 8.86
C ARG A 166 -14.89 7.50 9.63
N ASP A 167 -16.02 7.73 10.30
CA ASP A 167 -16.32 9.06 10.80
C ASP A 167 -15.37 9.51 11.91
N SER A 168 -14.73 8.58 12.64
CA SER A 168 -13.79 8.98 13.67
C SER A 168 -12.61 9.75 13.10
N PHE A 169 -12.31 9.57 11.80
CA PHE A 169 -11.21 10.32 11.19
C PHE A 169 -11.52 11.81 11.14
N ARG A 170 -12.79 12.18 11.03
CA ARG A 170 -13.16 13.59 10.94
C ARG A 170 -12.95 14.30 12.25
N LYS A 171 -12.79 13.56 13.34
CA LYS A 171 -12.44 14.16 14.63
C LYS A 171 -10.99 14.53 14.73
N LEU A 172 -10.15 14.06 13.81
CA LEU A 172 -8.72 14.35 13.91
C LEU A 172 -8.38 15.80 13.59
N GLY A 173 -9.38 16.64 13.25
CA GLY A 173 -9.14 18.06 13.15
C GLY A 173 -8.61 18.65 14.43
N SER A 174 -8.86 17.99 15.56
CA SER A 174 -8.37 18.48 16.85
C SER A 174 -6.85 18.40 16.97
N LEU A 175 -6.19 17.55 16.18
CA LEU A 175 -4.75 17.39 16.33
C LEU A 175 -4.02 18.72 16.15
N LYS A 176 -4.33 19.45 15.09
CA LYS A 176 -3.57 20.67 14.79
C LYS A 176 -3.74 21.69 15.89
N THR A 177 -4.94 21.80 16.44
CA THR A 177 -5.21 22.77 17.50
C THR A 177 -4.47 22.41 18.77
N ALA A 178 -4.52 21.14 19.18
CA ALA A 178 -3.80 20.69 20.36
C ALA A 178 -2.29 20.77 20.15
N LEU A 179 -1.82 20.42 18.95
CA LEU A 179 -0.38 20.31 18.69
C LEU A 179 -0.03 21.12 17.45
N PRO A 180 -0.07 22.45 17.55
CA PRO A 180 0.17 23.28 16.36
C PRO A 180 1.56 23.13 15.75
N MET A 181 2.58 22.86 16.56
CA MET A 181 3.93 22.78 16.02
C MET A 181 4.29 21.38 15.51
N VAL A 182 3.38 20.42 15.56
CA VAL A 182 3.69 19.02 15.22
C VAL A 182 3.22 18.75 13.79
N PRO A 183 4.11 18.40 12.87
CA PRO A 183 3.68 18.16 11.49
C PRO A 183 2.85 16.89 11.38
N ILE A 184 1.84 16.95 10.52
CA ILE A 184 1.02 15.78 10.22
C ILE A 184 1.40 15.28 8.83
N VAL A 185 1.64 13.97 8.70
CA VAL A 185 1.80 13.30 7.41
C VAL A 185 0.53 12.51 7.18
N ALA A 186 -0.33 12.98 6.28
CA ALA A 186 -1.55 12.26 5.95
C ALA A 186 -1.28 11.38 4.75
N LEU A 187 -1.49 10.09 4.90
CA LEU A 187 -1.15 9.13 3.86
C LEU A 187 -2.42 8.62 3.20
N THR A 188 -2.52 8.81 1.89
CA THR A 188 -3.71 8.41 1.14
C THR A 188 -3.25 7.52 -0.02
N ALA A 189 -4.01 6.48 -0.31
CA ALA A 189 -3.63 5.68 -1.46
C ALA A 189 -4.43 6.03 -2.71
N THR A 190 -5.13 7.16 -2.72
CA THR A 190 -5.74 7.66 -3.94
C THR A 190 -5.22 9.06 -4.23
N ALA A 191 -5.04 9.34 -5.52
CA ALA A 191 -4.61 10.65 -5.96
C ALA A 191 -5.79 11.58 -6.22
N SER A 192 -7.01 11.15 -5.93
CA SER A 192 -8.19 12.01 -6.10
C SER A 192 -7.99 13.39 -5.48
N SER A 193 -8.21 14.43 -6.29
CA SER A 193 -8.04 15.78 -5.76
C SER A 193 -9.14 16.14 -4.76
N SER A 194 -10.38 15.66 -4.98
CA SER A 194 -11.46 16.00 -4.06
C SER A 194 -11.19 15.38 -2.69
N ILE A 195 -10.62 14.18 -2.66
CA ILE A 195 -10.29 13.57 -1.38
C ILE A 195 -9.11 14.28 -0.72
N ARG A 196 -8.08 14.62 -1.50
CA ARG A 196 -6.95 15.37 -0.94
C ARG A 196 -7.40 16.69 -0.33
N GLU A 197 -8.25 17.44 -1.04
CA GLU A 197 -8.71 18.73 -0.55
C GLU A 197 -9.50 18.58 0.74
N ASP A 198 -10.29 17.49 0.85
CA ASP A 198 -11.04 17.24 2.09
C ASP A 198 -10.11 16.85 3.23
N ILE A 199 -9.11 16.01 2.95
CA ILE A 199 -8.09 15.69 3.95
C ILE A 199 -7.44 16.96 4.49
N VAL A 200 -6.99 17.85 3.59
CA VAL A 200 -6.34 19.09 4.00
C VAL A 200 -7.25 19.93 4.89
N ARG A 201 -8.50 20.12 4.48
CA ARG A 201 -9.38 21.00 5.22
C ARG A 201 -9.87 20.38 6.51
N CYS A 202 -10.17 19.07 6.49
CA CYS A 202 -10.67 18.45 7.71
C CYS A 202 -9.60 18.40 8.78
N LEU A 203 -8.36 18.04 8.39
CA LEU A 203 -7.25 18.00 9.32
C LEU A 203 -6.67 19.37 9.62
N ASN A 204 -7.08 20.39 8.88
CA ASN A 204 -6.56 21.75 9.04
C ASN A 204 -5.05 21.80 8.82
N LEU A 205 -4.59 21.11 7.78
CA LEU A 205 -3.19 21.17 7.40
C LEU A 205 -2.82 22.54 6.84
N ARG A 206 -1.57 22.95 7.02
CA ARG A 206 -1.11 24.28 6.59
C ARG A 206 -0.11 24.15 5.45
N ASN A 207 -0.50 24.63 4.26
CA ASN A 207 0.36 24.64 3.07
C ASN A 207 1.12 23.33 2.94
N PRO A 208 0.43 22.19 2.97
CA PRO A 208 1.17 20.92 3.02
C PRO A 208 1.92 20.65 1.72
N GLN A 209 3.05 19.96 1.86
CA GLN A 209 3.72 19.43 0.68
C GLN A 209 2.98 18.20 0.18
N ILE A 210 2.76 18.14 -1.13
CA ILE A 210 2.11 17.03 -1.78
C ILE A 210 3.16 16.19 -2.49
N THR A 211 3.20 14.90 -2.21
CA THR A 211 4.13 13.97 -2.87
C THR A 211 3.40 12.70 -3.26
N CYS A 212 4.01 11.89 -4.13
CA CYS A 212 3.44 10.61 -4.57
CA CYS A 212 3.43 10.58 -4.39
C CYS A 212 4.53 9.56 -4.68
N THR A 213 4.21 8.30 -4.34
CA THR A 213 5.06 7.22 -4.83
C THR A 213 4.91 7.16 -6.35
N GLY A 214 5.92 6.60 -7.01
CA GLY A 214 5.89 6.40 -8.45
C GLY A 214 5.88 4.92 -8.79
N PHE A 215 6.59 4.55 -9.84
CA PHE A 215 6.57 3.15 -10.28
C PHE A 215 8.01 2.69 -10.54
N ASP A 216 8.85 2.78 -9.52
CA ASP A 216 10.21 2.24 -9.61
C ASP A 216 10.23 0.85 -8.96
N ARG A 217 9.68 -0.12 -9.68
CA ARG A 217 9.62 -1.51 -9.21
C ARG A 217 10.14 -2.38 -10.35
N PRO A 218 11.46 -2.39 -10.59
CA PRO A 218 11.99 -3.07 -11.79
C PRO A 218 11.86 -4.58 -11.74
N ASN A 219 11.52 -5.14 -10.59
CA ASN A 219 11.50 -6.59 -10.47
C ASN A 219 10.12 -7.17 -10.79
N LEU A 220 9.20 -6.35 -11.31
CA LEU A 220 7.87 -6.81 -11.69
C LEU A 220 7.80 -6.96 -13.21
N TYR A 221 7.67 -8.20 -13.68
CA TYR A 221 7.35 -8.45 -15.08
C TYR A 221 5.85 -8.28 -15.28
N LEU A 222 5.44 -7.49 -16.27
CA LEU A 222 4.03 -7.15 -16.48
C LEU A 222 3.52 -7.75 -17.78
N GLU A 223 2.36 -8.41 -17.70
CA GLU A 223 1.75 -9.03 -18.88
C GLU A 223 0.24 -8.87 -18.84
N VAL A 224 -0.35 -8.63 -20.01
CA VAL A 224 -1.80 -8.58 -20.18
C VAL A 224 -2.17 -9.60 -21.25
N ARG A 225 -3.14 -10.43 -20.95
CA ARG A 225 -3.62 -11.36 -21.97
C ARG A 225 -5.12 -11.52 -21.87
N ARG A 226 -5.72 -11.93 -23.01
CA ARG A 226 -7.16 -12.13 -23.03
C ARG A 226 -7.56 -13.39 -22.27
N LYS A 227 -8.71 -13.32 -21.62
CA LYS A 227 -9.25 -14.38 -20.78
C LYS A 227 -10.37 -15.07 -21.56
N THR A 228 -10.46 -16.41 -21.46
CA THR A 228 -11.62 -17.08 -22.04
C THR A 228 -12.83 -17.10 -21.09
N GLY A 229 -12.59 -16.95 -19.80
CA GLY A 229 -13.62 -17.16 -18.80
C GLY A 229 -13.76 -18.60 -18.34
N ASN A 230 -13.02 -19.53 -18.94
CA ASN A 230 -12.98 -20.92 -18.43
C ASN A 230 -11.81 -20.99 -17.46
N ILE A 231 -12.10 -21.17 -16.17
CA ILE A 231 -11.11 -20.84 -15.14
C ILE A 231 -9.85 -21.67 -15.28
N LEU A 232 -9.99 -23.00 -15.37
CA LEU A 232 -8.78 -23.82 -15.42
C LEU A 232 -8.04 -23.64 -16.75
N GLN A 233 -8.76 -23.42 -17.87
CA GLN A 233 -8.06 -23.07 -19.11
C GLN A 233 -7.26 -21.79 -18.95
N ASP A 234 -7.85 -20.78 -18.32
CA ASP A 234 -7.13 -19.52 -18.13
C ASP A 234 -5.96 -19.67 -17.16
N LEU A 235 -6.07 -20.56 -16.18
CA LEU A 235 -5.04 -20.68 -15.15
C LEU A 235 -4.01 -21.76 -15.49
N GLN A 236 -4.26 -22.55 -16.53
CA GLN A 236 -3.36 -23.63 -16.93
C GLN A 236 -1.90 -23.18 -17.03
N PRO A 237 -1.56 -22.05 -17.67
CA PRO A 237 -0.14 -21.71 -17.83
C PRO A 237 0.58 -21.42 -16.51
N PHE A 238 -0.16 -21.22 -15.42
CA PHE A 238 0.43 -20.95 -14.12
C PHE A 238 0.52 -22.18 -13.25
N LEU A 239 -0.02 -23.30 -13.69
CA LEU A 239 -0.16 -24.49 -12.87
C LEU A 239 0.80 -25.58 -13.33
N VAL A 240 1.42 -26.26 -12.39
CA VAL A 240 2.33 -27.36 -12.71
C VAL A 240 1.92 -28.57 -11.88
N LYS A 241 1.92 -29.75 -12.50
CA LYS A 241 1.64 -30.98 -11.78
C LYS A 241 2.96 -31.59 -11.33
N THR A 242 3.12 -31.74 -10.02
CA THR A 242 4.30 -32.37 -9.43
C THR A 242 3.82 -33.46 -8.49
N SER A 243 4.29 -34.68 -8.71
CA SER A 243 3.97 -35.84 -7.86
C SER A 243 2.47 -35.92 -7.60
N SER A 244 1.72 -36.00 -8.69
CA SER A 244 0.26 -36.14 -8.63
C SER A 244 -0.38 -34.98 -7.89
N HIS A 245 0.24 -33.80 -7.96
CA HIS A 245 -0.25 -32.68 -7.18
C HIS A 245 -0.13 -31.41 -8.00
N TRP A 246 -1.22 -30.64 -8.07
CA TRP A 246 -1.18 -29.37 -8.77
C TRP A 246 -0.76 -28.26 -7.84
N GLU A 247 0.09 -27.37 -8.36
CA GLU A 247 0.61 -26.24 -7.58
CA GLU A 247 0.51 -26.21 -7.59
C GLU A 247 0.92 -25.08 -8.52
N PHE A 248 0.99 -23.89 -7.94
CA PHE A 248 1.61 -22.75 -8.61
C PHE A 248 3.12 -22.85 -8.47
N GLU A 249 3.84 -21.97 -9.20
CA GLU A 249 5.30 -21.98 -9.13
C GLU A 249 5.81 -21.36 -7.83
N GLY A 250 5.02 -20.49 -7.22
CA GLY A 250 5.40 -19.81 -6.01
C GLY A 250 4.18 -19.18 -5.36
N PRO A 251 4.38 -18.46 -4.25
CA PRO A 251 3.24 -17.83 -3.59
C PRO A 251 2.54 -16.86 -4.53
N THR A 252 1.22 -16.94 -4.58
CA THR A 252 0.42 -16.31 -5.62
C THR A 252 -0.81 -15.63 -5.04
N ILE A 253 -1.12 -14.41 -5.49
CA ILE A 253 -2.39 -13.77 -5.22
C ILE A 253 -3.18 -13.71 -6.50
N ILE A 254 -4.44 -14.15 -6.47
CA ILE A 254 -5.37 -13.96 -7.58
C ILE A 254 -6.39 -12.92 -7.13
N TYR A 255 -6.40 -11.76 -7.78
CA TYR A 255 -7.38 -10.72 -7.48
C TYR A 255 -8.58 -10.87 -8.40
N CYS A 256 -9.77 -10.96 -7.80
CA CYS A 256 -10.99 -11.09 -8.60
C CYS A 256 -11.90 -9.90 -8.36
N PRO A 257 -12.67 -9.50 -9.38
CA PRO A 257 -13.46 -8.26 -9.26
C PRO A 257 -14.65 -8.38 -8.35
N SER A 258 -15.07 -9.59 -7.99
CA SER A 258 -16.27 -9.77 -7.20
C SER A 258 -16.06 -10.90 -6.22
N ARG A 259 -16.77 -10.85 -5.09
CA ARG A 259 -16.67 -11.96 -4.14
C ARG A 259 -17.15 -13.25 -4.77
N LYS A 260 -18.18 -13.19 -5.61
CA LYS A 260 -18.66 -14.38 -6.28
C LYS A 260 -17.58 -15.01 -7.14
N MET A 261 -16.83 -14.19 -7.88
CA MET A 261 -15.74 -14.76 -8.69
C MET A 261 -14.65 -15.33 -7.80
N THR A 262 -14.37 -14.68 -6.68
CA THR A 262 -13.37 -15.21 -5.77
C THR A 262 -13.77 -16.61 -5.29
N GLN A 263 -15.05 -16.81 -4.98
CA GLN A 263 -15.48 -18.14 -4.55
CA GLN A 263 -15.49 -18.14 -4.55
C GLN A 263 -15.43 -19.15 -5.70
N GLN A 264 -15.80 -18.73 -6.92
CA GLN A 264 -15.76 -19.64 -8.07
C GLN A 264 -14.33 -20.09 -8.36
N VAL A 265 -13.38 -19.16 -8.41
CA VAL A 265 -11.99 -19.52 -8.67
C VAL A 265 -11.46 -20.43 -7.57
N THR A 266 -11.72 -20.05 -6.31
CA THR A 266 -11.24 -20.89 -5.23
C THR A 266 -11.81 -22.29 -5.35
N GLY A 267 -13.10 -22.39 -5.70
CA GLY A 267 -13.72 -23.71 -5.86
C GLY A 267 -13.02 -24.57 -6.89
N GLU A 268 -12.63 -23.98 -8.02
CA GLU A 268 -11.97 -24.75 -9.05
C GLU A 268 -10.58 -25.20 -8.60
N LEU A 269 -9.84 -24.31 -7.94
CA LEU A 269 -8.50 -24.69 -7.48
C LEU A 269 -8.54 -25.76 -6.37
N ARG A 270 -9.54 -25.70 -5.49
CA ARG A 270 -9.63 -26.73 -4.46
C ARG A 270 -9.89 -28.12 -5.02
N LYS A 271 -10.62 -28.21 -6.14
CA LYS A 271 -10.79 -29.49 -6.82
C LYS A 271 -9.46 -30.08 -7.29
N LEU A 272 -8.43 -29.24 -7.48
CA LEU A 272 -7.10 -29.74 -7.81
C LEU A 272 -6.24 -30.00 -6.59
N ASN A 273 -6.84 -29.91 -5.39
CA ASN A 273 -6.11 -30.12 -4.13
C ASN A 273 -5.04 -29.05 -3.94
N LEU A 274 -5.24 -27.88 -4.55
CA LEU A 274 -4.33 -26.77 -4.37
C LEU A 274 -4.55 -26.11 -3.01
N SER A 275 -3.47 -25.69 -2.38
CA SER A 275 -3.55 -25.09 -1.05
C SER A 275 -3.88 -23.62 -1.17
N CYS A 276 -5.12 -23.24 -0.86
CA CYS A 276 -5.52 -21.86 -1.08
C CYS A 276 -6.52 -21.39 -0.03
N GLY A 277 -6.76 -20.08 -0.05
CA GLY A 277 -7.70 -19.46 0.87
C GLY A 277 -8.31 -18.24 0.22
N THR A 278 -9.56 -17.93 0.59
CA THR A 278 -10.24 -16.77 0.05
C THR A 278 -10.01 -15.60 0.99
N TYR A 279 -10.15 -14.39 0.46
CA TYR A 279 -9.87 -13.21 1.26
C TYR A 279 -10.77 -12.09 0.73
N HIS A 280 -11.87 -11.82 1.42
CA HIS A 280 -12.73 -10.71 1.01
C HIS A 280 -13.46 -10.18 2.23
N ALA A 281 -14.11 -9.02 2.06
CA ALA A 281 -14.67 -8.30 3.20
C ALA A 281 -15.94 -8.93 3.76
N GLY A 282 -16.55 -9.89 3.09
CA GLY A 282 -17.65 -10.63 3.69
C GLY A 282 -17.21 -11.60 4.76
N MET A 283 -15.93 -12.02 4.72
CA MET A 283 -15.46 -12.96 5.73
C MET A 283 -15.31 -12.27 7.08
N SER A 284 -15.49 -13.04 8.15
CA SER A 284 -15.19 -12.48 9.47
C SER A 284 -13.74 -12.01 9.54
N PHE A 285 -13.49 -11.11 10.48
CA PHE A 285 -12.13 -10.61 10.67
C PHE A 285 -11.21 -11.73 11.17
N SER A 286 -11.69 -12.57 12.08
CA SER A 286 -10.86 -13.66 12.58
C SER A 286 -10.48 -14.64 11.47
N THR A 287 -11.41 -14.99 10.58
CA THR A 287 -11.06 -15.90 9.47
C THR A 287 -10.07 -15.25 8.51
N ARG A 288 -10.25 -13.95 8.18
CA ARG A 288 -9.31 -13.26 7.31
C ARG A 288 -7.92 -13.23 7.93
N LYS A 289 -7.85 -12.98 9.24
CA LYS A 289 -6.55 -12.92 9.92
C LYS A 289 -5.86 -14.27 9.83
N ASP A 290 -6.62 -15.35 10.00
CA ASP A 290 -6.04 -16.69 9.91
C ASP A 290 -5.50 -16.97 8.51
N ILE A 291 -6.29 -16.65 7.48
CA ILE A 291 -5.84 -16.87 6.10
C ILE A 291 -4.58 -16.10 5.83
N HIS A 292 -4.55 -14.83 6.25
CA HIS A 292 -3.39 -14.00 5.99
C HIS A 292 -2.15 -14.56 6.69
N HIS A 293 -2.28 -14.95 7.97
CA HIS A 293 -1.17 -15.57 8.69
C HIS A 293 -0.72 -16.84 7.97
N ARG A 294 -1.66 -17.69 7.55
CA ARG A 294 -1.26 -18.94 6.91
C ARG A 294 -0.54 -18.67 5.59
N PHE A 295 -0.94 -17.64 4.85
CA PHE A 295 -0.23 -17.29 3.63
C PHE A 295 1.19 -16.83 3.91
N VAL A 296 1.35 -15.94 4.91
CA VAL A 296 2.69 -15.46 5.28
C VAL A 296 3.59 -16.62 5.65
N ARG A 297 3.07 -17.60 6.40
CA ARG A 297 3.87 -18.73 6.84
CA ARG A 297 3.85 -18.74 6.85
C ARG A 297 3.97 -19.84 5.80
N ASP A 298 3.44 -19.62 4.60
CA ASP A 298 3.48 -20.59 3.49
C ASP A 298 2.71 -21.87 3.80
N GLU A 299 1.74 -21.82 4.70
CA GLU A 299 0.81 -22.95 4.80
C GLU A 299 -0.21 -22.94 3.68
N ILE A 300 -0.49 -21.76 3.16
CA ILE A 300 -1.34 -21.57 1.99
C ILE A 300 -0.45 -21.08 0.86
N GLN A 301 -0.64 -21.62 -0.35
CA GLN A 301 0.17 -21.16 -1.48
C GLN A 301 -0.47 -20.02 -2.27
N CYS A 302 -1.79 -19.97 -2.33
CA CYS A 302 -2.49 -19.02 -3.18
C CYS A 302 -3.62 -18.38 -2.39
N VAL A 303 -3.67 -17.05 -2.36
CA VAL A 303 -4.82 -16.36 -1.80
C VAL A 303 -5.63 -15.81 -2.97
N ILE A 304 -6.93 -16.07 -2.96
CA ILE A 304 -7.87 -15.53 -3.96
C ILE A 304 -8.65 -14.42 -3.27
N ALA A 305 -8.50 -13.20 -3.75
CA ALA A 305 -8.93 -12.04 -2.98
C ALA A 305 -9.80 -11.10 -3.79
N THR A 306 -10.75 -10.46 -3.11
CA THR A 306 -11.37 -9.25 -3.63
C THR A 306 -11.06 -8.16 -2.62
N ILE A 307 -10.19 -7.24 -2.99
CA ILE A 307 -9.62 -6.28 -2.05
C ILE A 307 -10.50 -5.05 -2.00
N ALA A 308 -10.82 -4.59 -0.79
CA ALA A 308 -11.50 -3.31 -0.57
C ALA A 308 -11.18 -2.82 0.84
N PHE A 309 -11.47 -1.53 1.08
CA PHE A 309 -11.53 -1.02 2.44
C PHE A 309 -10.22 -1.20 3.20
N GLY A 310 -9.10 -1.05 2.49
CA GLY A 310 -7.83 -1.16 3.17
C GLY A 310 -7.45 -2.55 3.60
N MET A 311 -8.23 -3.57 3.22
CA MET A 311 -7.69 -4.91 3.21
C MET A 311 -6.46 -4.93 2.33
N GLY A 312 -5.44 -5.62 2.81
CA GLY A 312 -4.23 -5.73 2.03
C GLY A 312 -3.56 -7.03 2.41
N ILE A 313 -2.76 -7.51 1.49
CA ILE A 313 -2.00 -8.72 1.73
C ILE A 313 -0.55 -8.31 1.81
N ASN A 314 0.07 -8.62 2.93
CA ASN A 314 1.45 -8.20 3.22
C ASN A 314 2.30 -9.44 3.42
N LYS A 315 3.09 -9.76 2.39
CA LYS A 315 3.98 -10.90 2.41
C LYS A 315 5.14 -10.52 1.52
N ALA A 316 6.37 -10.79 1.95
CA ALA A 316 7.53 -10.30 1.21
C ALA A 316 7.82 -11.08 -0.07
N ASP A 317 7.45 -12.38 -0.13
CA ASP A 317 7.90 -13.22 -1.25
C ASP A 317 6.70 -13.65 -2.10
N ILE A 318 5.86 -12.69 -2.47
CA ILE A 318 4.80 -12.99 -3.44
C ILE A 318 5.43 -13.00 -4.83
N ARG A 319 5.40 -14.17 -5.49
CA ARG A 319 6.08 -14.33 -6.76
C ARG A 319 5.19 -14.04 -7.95
N GLN A 320 3.88 -14.18 -7.80
CA GLN A 320 2.96 -14.05 -8.92
C GLN A 320 1.69 -13.35 -8.47
N VAL A 321 1.28 -12.35 -9.23
CA VAL A 321 -0.02 -11.74 -9.05
C VAL A 321 -0.81 -11.99 -10.32
N ILE A 322 -2.06 -12.42 -10.18
CA ILE A 322 -2.96 -12.61 -11.34
C ILE A 322 -4.22 -11.81 -11.07
N HIS A 323 -4.52 -10.86 -11.96
CA HIS A 323 -5.83 -10.21 -11.95
C HIS A 323 -6.71 -11.05 -12.84
N TYR A 324 -7.66 -11.75 -12.23
CA TYR A 324 -8.56 -12.59 -12.99
C TYR A 324 -9.81 -11.77 -13.27
N GLY A 325 -9.80 -11.07 -14.41
CA GLY A 325 -10.75 -10.06 -14.83
C GLY A 325 -10.11 -8.68 -14.78
N ALA A 326 -10.65 -7.77 -15.58
CA ALA A 326 -10.13 -6.40 -15.62
C ALA A 326 -10.12 -5.80 -14.22
N PRO A 327 -9.03 -5.13 -13.81
CA PRO A 327 -9.02 -4.43 -12.52
C PRO A 327 -10.04 -3.30 -12.49
N LYS A 328 -10.41 -2.88 -11.29
CA LYS A 328 -11.43 -1.84 -11.13
C LYS A 328 -11.04 -0.56 -11.85
N ASP A 329 -9.81 -0.12 -11.65
CA ASP A 329 -9.29 1.05 -12.32
C ASP A 329 -7.77 1.05 -12.18
N MET A 330 -7.15 2.09 -12.73
CA MET A 330 -5.68 2.14 -12.81
C MET A 330 -5.05 2.28 -11.42
N GLU A 331 -5.67 3.04 -10.51
CA GLU A 331 -5.12 3.13 -9.16
C GLU A 331 -5.18 1.81 -8.42
N SER A 332 -6.32 1.09 -8.51
CA SER A 332 -6.42 -0.19 -7.85
CA SER A 332 -6.40 -0.18 -7.83
C SER A 332 -5.38 -1.17 -8.39
N TYR A 333 -5.21 -1.20 -9.71
CA TYR A 333 -4.22 -2.06 -10.32
C TYR A 333 -2.83 -1.76 -9.77
N TYR A 334 -2.46 -0.47 -9.79
CA TYR A 334 -1.17 -0.05 -9.26
C TYR A 334 -0.99 -0.46 -7.81
N GLN A 335 -2.01 -0.26 -6.98
CA GLN A 335 -1.94 -0.72 -5.58
C GLN A 335 -1.70 -2.22 -5.51
N GLU A 336 -2.42 -2.97 -6.33
CA GLU A 336 -2.43 -4.42 -6.16
C GLU A 336 -1.16 -5.08 -6.67
N ILE A 337 -0.60 -4.62 -7.79
CA ILE A 337 0.67 -5.18 -8.24
C ILE A 337 1.80 -4.77 -7.32
N GLY A 338 1.67 -3.66 -6.61
CA GLY A 338 2.72 -3.19 -5.72
C GLY A 338 2.97 -4.19 -4.59
N ARG A 339 1.96 -5.01 -4.27
CA ARG A 339 2.14 -6.00 -3.21
C ARG A 339 3.07 -7.15 -3.60
N ALA A 340 3.38 -7.32 -4.89
CA ALA A 340 4.26 -8.40 -5.36
C ALA A 340 5.74 -8.07 -5.18
N GLY A 341 6.53 -9.11 -4.95
CA GLY A 341 7.98 -8.95 -5.01
C GLY A 341 8.62 -7.97 -4.04
N ARG A 342 8.08 -7.86 -2.82
CA ARG A 342 8.67 -6.90 -1.90
C ARG A 342 10.02 -7.34 -1.34
N ASP A 343 10.41 -8.60 -1.49
CA ASP A 343 11.77 -9.02 -1.19
C ASP A 343 12.79 -8.62 -2.27
N GLY A 344 12.34 -8.02 -3.37
CA GLY A 344 13.22 -7.58 -4.44
C GLY A 344 13.55 -8.65 -5.47
N LEU A 345 13.08 -9.87 -5.30
CA LEU A 345 13.37 -10.93 -6.24
C LEU A 345 12.37 -10.86 -7.40
N GLN A 346 12.69 -11.54 -8.50
CA GLN A 346 11.83 -11.49 -9.68
C GLN A 346 10.41 -11.97 -9.39
N SER A 347 9.42 -11.17 -9.79
CA SER A 347 8.01 -11.54 -9.70
C SER A 347 7.29 -11.22 -11.01
N SER A 348 6.10 -11.76 -11.20
CA SER A 348 5.31 -11.53 -12.41
C SER A 348 3.91 -11.09 -12.06
N CYS A 349 3.36 -10.15 -12.84
CA CYS A 349 1.98 -9.71 -12.65
C CYS A 349 1.28 -9.82 -13.98
N HIS A 350 0.26 -10.67 -14.02
CA HIS A 350 -0.52 -10.97 -15.22
C HIS A 350 -1.95 -10.47 -15.03
N VAL A 351 -2.48 -9.76 -16.01
CA VAL A 351 -3.92 -9.45 -16.08
C VAL A 351 -4.54 -10.33 -17.13
N LEU A 352 -5.60 -11.06 -16.76
CA LEU A 352 -6.40 -11.83 -17.72
C LEU A 352 -7.73 -11.10 -17.86
N TRP A 353 -8.05 -10.61 -19.05
CA TRP A 353 -9.22 -9.75 -19.16
C TRP A 353 -10.04 -10.08 -20.40
N ALA A 354 -11.28 -9.59 -20.39
CA ALA A 354 -12.17 -9.73 -21.53
C ALA A 354 -13.06 -8.49 -21.59
N PRO A 355 -13.52 -8.11 -22.79
CA PRO A 355 -14.36 -6.90 -22.90
C PRO A 355 -15.60 -6.94 -22.02
N ALA A 356 -16.23 -8.11 -21.89
CA ALA A 356 -17.41 -8.26 -21.07
C ALA A 356 -17.14 -8.14 -19.56
N ASP A 357 -15.90 -7.91 -19.12
CA ASP A 357 -15.61 -7.85 -17.70
C ASP A 357 -16.31 -6.67 -17.03
N ILE A 358 -16.91 -6.95 -15.85
CA ILE A 358 -17.80 -5.99 -15.18
C ILE A 358 -17.11 -4.67 -14.90
N ASN A 359 -15.80 -4.71 -14.61
CA ASN A 359 -15.07 -3.47 -14.42
C ASN A 359 -14.84 -2.71 -15.72
N LEU A 360 -15.08 -3.33 -16.87
CA LEU A 360 -15.14 -2.63 -18.15
C LEU A 360 -16.57 -2.29 -18.56
N ASN A 361 -17.55 -2.67 -17.74
CA ASN A 361 -18.96 -2.38 -18.00
C ASN A 361 -19.59 -1.73 -16.79
N ARG A 362 -18.90 -0.74 -16.25
CA ARG A 362 -19.22 -0.17 -14.95
C ARG A 362 -20.31 0.88 -15.08
N HIS A 363 -21.54 0.49 -14.78
CA HIS A 363 -22.55 1.44 -14.35
C HIS A 363 -22.51 1.64 -12.85
N LEU A 364 -21.68 0.85 -12.14
CA LEU A 364 -21.39 1.07 -10.73
C LEU A 364 -20.69 2.40 -10.50
N LEU A 365 -20.19 3.02 -11.57
CA LEU A 365 -19.77 4.42 -11.53
C LEU A 365 -20.93 5.35 -11.87
N THR A 366 -21.77 4.97 -12.83
CA THR A 366 -22.88 5.83 -13.19
C THR A 366 -23.86 6.03 -12.03
N GLU A 367 -23.64 5.38 -10.89
CA GLU A 367 -24.44 5.54 -9.69
C GLU A 367 -23.75 6.33 -8.58
N ILE A 368 -22.41 6.50 -8.64
CA ILE A 368 -21.68 7.20 -7.59
C ILE A 368 -22.26 8.58 -7.35
N ARG A 369 -22.34 8.97 -6.08
CA ARG A 369 -23.07 10.18 -5.71
C ARG A 369 -22.27 11.45 -5.99
N ASN A 370 -21.03 11.51 -5.51
CA ASN A 370 -20.26 12.76 -5.60
C ASN A 370 -19.80 13.02 -7.03
N GLU A 371 -20.04 14.25 -7.52
CA GLU A 371 -19.75 14.57 -8.91
C GLU A 371 -18.26 14.59 -9.20
N LYS A 372 -17.48 15.31 -8.37
CA LYS A 372 -16.03 15.35 -8.61
C LYS A 372 -15.43 13.96 -8.50
N PHE A 373 -15.84 13.19 -7.50
CA PHE A 373 -15.30 11.84 -7.36
C PHE A 373 -15.68 10.95 -8.53
N ARG A 374 -16.91 11.06 -9.04
CA ARG A 374 -17.32 10.23 -10.17
C ARG A 374 -16.48 10.53 -11.41
N LEU A 375 -16.24 11.83 -11.69
CA LEU A 375 -15.36 12.18 -12.79
C LEU A 375 -13.99 11.54 -12.61
N TYR A 376 -13.46 11.57 -11.38
CA TYR A 376 -12.14 10.99 -11.14
C TYR A 376 -12.14 9.50 -11.43
N LYS A 377 -13.13 8.78 -10.90
CA LYS A 377 -13.14 7.34 -11.10
C LYS A 377 -13.33 6.99 -12.58
N LEU A 378 -14.12 7.78 -13.30
CA LEU A 378 -14.24 7.56 -14.74
C LEU A 378 -12.90 7.71 -15.43
N LYS A 379 -12.13 8.72 -15.02
CA LYS A 379 -10.79 8.93 -15.60
C LYS A 379 -9.88 7.75 -15.30
N MET A 380 -9.91 7.24 -14.09
CA MET A 380 -9.05 6.11 -13.73
C MET A 380 -9.45 4.85 -14.48
N MET A 381 -10.76 4.67 -14.74
CA MET A 381 -11.22 3.52 -15.52
C MET A 381 -10.77 3.64 -16.98
N ALA A 382 -10.82 4.85 -17.53
CA ALA A 382 -10.37 5.06 -18.90
C ALA A 382 -8.88 4.74 -19.04
N LYS A 383 -8.09 5.12 -18.04
CA LYS A 383 -6.67 4.77 -18.06
C LYS A 383 -6.48 3.26 -18.08
N MET A 384 -7.24 2.54 -17.25
CA MET A 384 -7.11 1.08 -17.20
C MET A 384 -7.45 0.46 -18.56
N GLU A 385 -8.55 0.92 -19.17
CA GLU A 385 -8.94 0.39 -20.47
C GLU A 385 -7.85 0.66 -21.51
N LYS A 386 -7.29 1.87 -21.51
CA LYS A 386 -6.26 2.15 -22.51
C LYS A 386 -5.05 1.24 -22.31
N TYR A 387 -4.71 0.96 -21.05
CA TYR A 387 -3.58 0.10 -20.74
C TYR A 387 -3.79 -1.32 -21.24
N LEU A 388 -5.00 -1.85 -21.01
CA LEU A 388 -5.29 -3.21 -21.43
C LEU A 388 -5.13 -3.39 -22.94
N HIS A 389 -5.51 -2.36 -23.72
CA HIS A 389 -5.51 -2.45 -25.17
C HIS A 389 -4.17 -2.06 -25.80
N SER A 390 -3.22 -1.54 -25.03
CA SER A 390 -2.03 -0.92 -25.63
C SER A 390 -0.99 -1.95 -26.08
N SER A 391 -0.23 -1.57 -27.13
CA SER A 391 0.98 -2.27 -27.55
C SER A 391 2.26 -1.67 -26.98
N ARG A 392 2.17 -0.57 -26.23
CA ARG A 392 3.34 0.10 -25.71
C ARG A 392 3.88 -0.65 -24.50
N CYS A 393 5.16 -0.41 -24.19
CA CYS A 393 5.74 -0.91 -22.95
C CYS A 393 4.82 -0.62 -21.76
N ARG A 394 4.41 -1.68 -21.06
CA ARG A 394 3.47 -1.51 -19.95
C ARG A 394 4.05 -0.62 -18.87
N ARG A 395 5.35 -0.77 -18.62
CA ARG A 395 6.03 0.05 -17.61
C ARG A 395 6.07 1.51 -18.02
N GLN A 396 6.35 1.78 -19.31
CA GLN A 396 6.26 3.15 -19.83
C GLN A 396 4.87 3.73 -19.64
N ILE A 397 3.84 2.93 -19.90
CA ILE A 397 2.48 3.44 -19.74
C ILE A 397 2.24 3.84 -18.29
N ILE A 398 2.58 2.95 -17.35
CA ILE A 398 2.33 3.27 -15.94
C ILE A 398 3.07 4.54 -15.58
N LEU A 399 4.35 4.62 -15.98
CA LEU A 399 5.14 5.79 -15.62
C LEU A 399 4.58 7.05 -16.26
N SER A 400 3.97 6.92 -17.44
CA SER A 400 3.46 8.09 -18.14
C SER A 400 2.38 8.80 -17.35
N HIS A 401 1.75 8.13 -16.38
CA HIS A 401 0.68 8.72 -15.59
C HIS A 401 1.21 9.62 -14.50
N PHE A 402 2.51 9.51 -14.19
CA PHE A 402 3.21 10.40 -13.28
C PHE A 402 3.97 11.41 -14.14
N GLU A 403 3.23 12.37 -14.66
CA GLU A 403 3.72 13.24 -15.74
C GLU A 403 5.10 13.82 -15.42
N ASP A 404 5.19 14.65 -14.37
CA ASP A 404 6.42 15.38 -14.08
C ASP A 404 7.55 14.48 -13.63
N LYS A 405 7.22 13.33 -13.08
CA LYS A 405 8.12 12.61 -12.19
C LYS A 405 9.30 12.02 -12.93
N GLN A 406 10.47 12.15 -12.33
CA GLN A 406 11.69 11.52 -12.85
C GLN A 406 11.52 10.03 -12.88
N VAL A 407 11.94 9.39 -13.99
CA VAL A 407 12.05 7.94 -14.06
C VAL A 407 13.38 7.53 -13.47
N GLN A 408 13.36 6.56 -12.56
CA GLN A 408 14.60 6.16 -11.90
C GLN A 408 15.44 5.28 -12.82
N LYS A 409 16.74 5.26 -12.53
CA LYS A 409 17.69 4.58 -13.41
C LYS A 409 17.37 3.09 -13.54
N ALA A 410 17.02 2.43 -12.43
CA ALA A 410 16.74 1.00 -12.48
C ALA A 410 15.56 0.69 -13.40
N SER A 411 14.55 1.56 -13.39
CA SER A 411 13.43 1.37 -14.30
C SER A 411 13.83 1.61 -15.75
N LEU A 412 14.65 2.65 -15.99
CA LEU A 412 15.17 2.85 -17.34
C LEU A 412 15.96 1.64 -17.81
N GLY A 413 16.70 1.01 -16.90
CA GLY A 413 17.52 -0.12 -17.28
C GLY A 413 16.71 -1.35 -17.64
N ILE A 414 15.61 -1.60 -16.92
CA ILE A 414 14.82 -2.78 -17.20
C ILE A 414 13.99 -2.61 -18.48
N MET A 415 13.53 -1.39 -18.80
CA MET A 415 12.66 -1.19 -19.95
CA MET A 415 12.66 -1.19 -19.95
C MET A 415 13.35 -1.63 -21.23
N GLY A 416 12.58 -2.28 -22.11
CA GLY A 416 13.09 -2.78 -23.37
C GLY A 416 13.67 -4.18 -23.31
N THR A 417 13.82 -4.76 -22.13
CA THR A 417 14.40 -6.08 -22.00
C THR A 417 13.31 -7.12 -21.77
N GLU A 418 13.70 -8.39 -21.88
CA GLU A 418 12.76 -9.50 -21.76
C GLU A 418 12.11 -9.57 -20.38
N LYS A 419 12.69 -8.94 -19.38
CA LYS A 419 12.11 -8.99 -18.03
C LYS A 419 11.19 -7.82 -17.72
N CYS A 420 10.99 -6.89 -18.64
CA CYS A 420 10.16 -5.72 -18.36
C CYS A 420 8.68 -6.03 -18.48
N CYS A 421 8.21 -6.38 -19.68
CA CYS A 421 6.80 -6.60 -19.90
C CYS A 421 6.62 -7.41 -21.16
N ASP A 422 5.38 -7.86 -21.38
CA ASP A 422 5.07 -8.70 -22.54
C ASP A 422 5.31 -7.94 -23.85
N ASN A 423 5.02 -6.64 -23.84
CA ASN A 423 5.17 -5.89 -25.09
C ASN A 423 6.64 -5.67 -25.42
N CYS A 424 7.49 -5.42 -24.42
CA CYS A 424 8.92 -5.41 -24.70
C CYS A 424 9.41 -6.78 -25.18
N ARG A 425 8.88 -7.87 -24.62
CA ARG A 425 9.28 -9.20 -25.09
C ARG A 425 8.91 -9.43 -26.54
N SER A 426 7.70 -9.02 -26.93
CA SER A 426 7.30 -9.19 -28.32
C SER A 426 8.23 -8.43 -29.25
N ARG A 427 8.59 -7.21 -28.87
CA ARG A 427 9.49 -6.40 -29.69
C ARG A 427 10.85 -7.07 -29.86
N LEU A 428 11.34 -7.73 -28.81
CA LEU A 428 12.63 -8.41 -28.89
C LEU A 428 12.57 -9.63 -29.78
N ASP A 429 11.39 -10.25 -29.90
CA ASP A 429 11.28 -11.44 -30.73
C ASP A 429 11.45 -11.10 -32.22
N HIS A 430 10.73 -10.09 -32.70
CA HIS A 430 10.78 -9.72 -34.12
C HIS A 430 11.59 -8.45 -34.37
#